data_5EAG
#
_entry.id   5EAG
#
_cell.length_a   79.440
_cell.length_b   67.890
_cell.length_c   81.770
_cell.angle_alpha   90.000
_cell.angle_beta   100.260
_cell.angle_gamma   90.000
#
_symmetry.space_group_name_H-M   'P 1 21 1'
#
loop_
_entity.id
_entity.type
_entity.pdbx_description
1 polymer 'Lanosterol 14-alpha demethylase'
2 non-polymer Prochloraz
3 non-polymer 'PROTOPORPHYRIN IX CONTAINING FE'
4 water water
#
_entity_poly.entity_id   1
_entity_poly.type   'polypeptide(L)'
_entity_poly.pdbx_seq_one_letter_code
;MSATKSIVGEALEYVNIGLSHFLALPLAQRISLIIIIPFIYNIVWQLLYSLRKDRPPLVFYWIPWVGSAVVYGMKPYEFF
EECQKKYGDIFSFVLLGRVMTVYLGPKGHEFVFNAKLADVSAEAAYAHLTTPVFGKGVIYDCPNSRLMEQKKFVKGALTK
EAFKSYVPLIAEEVYKYFRDSKNFRLNERTTGTIDVMVTQPEMTIFTASRSLLGKEMRAKLDTDFAYLYSDLDKGFTPIN
FVFPNLPLEHYRKRDHAQKAISGTYMSLIKERRKNNDIQDRDLIDSLMKNSTYKDGVKMTDQEIANLLIGVLMGGQHTSA
ATSAWILLHLAERPDVQQELYEEQMRVLDGGKKELTYDLLQEMPLLNQTIKETLRMHHPLHSLFRKVMKDMHVPNTSYVI
PAGYHVLVSPGYTHLRDEYFPNAHQFNIHRWNNDSASSYSVGEEVDYGFGAISKGVSSPYLPFGGGRHRCIGEHFAYCQL
GVLMSIFIRTLKWHYPEGKTVPPPDFTSMVTLPTGPAKIIWEKRNPEQKIGGRHHHHHH
;
_entity_poly.pdbx_strand_id   A
#
# COMPACT_ATOMS: atom_id res chain seq x y z
N ILE A 7 59.48 30.69 -7.16
CA ILE A 7 59.27 29.83 -8.33
C ILE A 7 58.54 28.53 -7.96
N VAL A 8 57.26 28.48 -8.32
CA VAL A 8 56.42 27.31 -8.11
C VAL A 8 55.63 27.00 -9.37
N GLY A 9 55.96 27.69 -10.46
CA GLY A 9 55.45 27.35 -11.77
C GLY A 9 56.04 25.99 -12.10
N GLU A 10 57.21 25.77 -11.50
CA GLU A 10 57.84 24.48 -11.44
C GLU A 10 56.93 23.41 -10.77
N ALA A 11 56.11 23.85 -9.82
CA ALA A 11 55.17 22.91 -9.21
C ALA A 11 54.04 22.61 -10.19
N LEU A 12 53.63 23.61 -10.96
CA LEU A 12 52.59 23.39 -11.95
C LEU A 12 53.10 22.49 -13.09
N GLU A 13 54.42 22.52 -13.32
CA GLU A 13 55.04 21.59 -14.25
C GLU A 13 54.82 20.14 -13.81
N TYR A 14 54.81 19.92 -12.50
CA TYR A 14 54.72 18.56 -11.99
C TYR A 14 53.29 18.10 -11.78
N VAL A 15 52.38 19.03 -11.59
CA VAL A 15 50.96 18.71 -11.73
C VAL A 15 50.77 18.06 -13.10
N ASN A 16 51.28 18.75 -14.13
CA ASN A 16 51.18 18.29 -15.51
C ASN A 16 51.86 16.94 -15.69
N ILE A 17 53.13 16.85 -15.27
CA ILE A 17 53.85 15.58 -15.31
C ILE A 17 53.10 14.48 -14.55
N GLY A 18 52.54 14.86 -13.40
CA GLY A 18 51.83 13.94 -12.53
C GLY A 18 50.59 13.36 -13.15
N LEU A 19 49.75 14.22 -13.70
CA LEU A 19 48.63 13.79 -14.54
C LEU A 19 49.11 12.85 -15.67
N SER A 20 50.25 13.21 -16.26
CA SER A 20 50.78 12.43 -17.37
C SER A 20 51.07 11.01 -16.89
N HIS A 21 51.67 10.89 -15.72
CA HIS A 21 51.96 9.55 -15.17
C HIS A 21 50.71 8.83 -14.67
N PHE A 22 49.69 9.57 -14.26
CA PHE A 22 48.40 8.97 -13.92
C PHE A 22 47.86 8.21 -15.11
N LEU A 23 47.73 8.89 -16.24
CA LEU A 23 47.17 8.30 -17.46
C LEU A 23 47.99 7.10 -17.95
N ALA A 24 49.22 6.98 -17.46
CA ALA A 24 50.16 5.95 -17.88
C ALA A 24 50.24 4.76 -16.93
N LEU A 25 49.54 4.83 -15.79
CA LEU A 25 49.50 3.71 -14.86
C LEU A 25 48.85 2.48 -15.50
N PRO A 26 49.26 1.27 -15.08
CA PRO A 26 48.69 -0.01 -15.55
C PRO A 26 47.19 -0.11 -15.28
N LEU A 27 46.47 -0.85 -16.11
CA LEU A 27 45.01 -0.99 -15.95
C LEU A 27 44.59 -1.44 -14.55
N ALA A 28 45.47 -2.19 -13.89
CA ALA A 28 45.18 -2.68 -12.54
C ALA A 28 45.05 -1.54 -11.55
N GLN A 29 46.06 -0.66 -11.52
CA GLN A 29 46.06 0.43 -10.57
C GLN A 29 45.01 1.46 -10.92
N ARG A 30 44.70 1.62 -12.20
CA ARG A 30 43.72 2.63 -12.61
C ARG A 30 42.31 2.22 -12.20
N ILE A 31 42.02 0.92 -12.28
CA ILE A 31 40.77 0.39 -11.77
C ILE A 31 40.74 0.52 -10.25
N SER A 32 41.83 0.12 -9.62
CA SER A 32 42.02 0.30 -8.19
C SER A 32 41.78 1.75 -7.76
N LEU A 33 41.97 2.70 -8.69
CA LEU A 33 41.85 4.12 -8.37
C LEU A 33 40.48 4.68 -8.70
N ILE A 34 39.80 4.11 -9.69
CA ILE A 34 38.45 4.57 -10.02
C ILE A 34 37.48 4.04 -8.98
N ILE A 35 37.97 3.15 -8.13
CA ILE A 35 37.20 2.69 -6.99
C ILE A 35 37.57 3.47 -5.74
N ILE A 36 38.87 3.63 -5.49
CA ILE A 36 39.31 4.20 -4.21
C ILE A 36 39.06 5.71 -4.17
N ILE A 37 38.95 6.34 -5.33
CA ILE A 37 38.83 7.79 -5.35
C ILE A 37 37.40 8.27 -5.06
N PRO A 38 36.36 7.54 -5.54
CA PRO A 38 35.05 8.02 -5.07
C PRO A 38 34.76 7.55 -3.63
N PHE A 39 35.27 6.36 -3.27
CA PHE A 39 35.17 5.86 -1.91
C PHE A 39 35.66 6.89 -0.91
N ILE A 40 36.82 7.46 -1.17
CA ILE A 40 37.41 8.45 -0.29
C ILE A 40 36.66 9.77 -0.35
N TYR A 41 36.33 10.24 -1.56
CA TYR A 41 35.61 11.50 -1.70
C TYR A 41 34.30 11.52 -0.90
N ASN A 42 33.50 10.49 -1.13
CA ASN A 42 32.30 10.19 -0.34
C ASN A 42 32.51 10.36 1.17
N ILE A 43 33.57 9.76 1.69
CA ILE A 43 33.81 9.76 3.14
C ILE A 43 34.17 11.14 3.69
N VAL A 44 35.03 11.90 3.01
CA VAL A 44 35.32 13.26 3.50
C VAL A 44 34.11 14.13 3.27
N TRP A 45 33.35 13.84 2.21
CA TRP A 45 32.14 14.63 1.94
C TRP A 45 31.13 14.53 3.09
N GLN A 46 30.98 13.34 3.68
CA GLN A 46 30.05 13.17 4.80
C GLN A 46 30.56 13.94 6.01
N LEU A 47 31.81 13.69 6.40
CA LEU A 47 32.42 14.40 7.52
C LEU A 47 32.26 15.91 7.37
N LEU A 48 32.41 16.38 6.14
CA LEU A 48 32.23 17.80 5.85
C LEU A 48 30.75 18.18 5.98
N TYR A 49 29.88 17.28 5.55
CA TYR A 49 28.44 17.52 5.57
C TYR A 49 27.93 17.69 7.00
N SER A 50 28.42 16.84 7.91
CA SER A 50 27.99 16.86 9.30
C SER A 50 28.44 18.13 10.03
N LEU A 51 29.10 19.02 9.30
CA LEU A 51 29.45 20.34 9.82
C LEU A 51 28.22 21.24 9.82
N ARG A 52 27.51 21.25 8.70
CA ARG A 52 26.35 22.10 8.50
C ARG A 52 25.29 21.90 9.58
N LYS A 53 24.86 23.00 10.21
CA LYS A 53 23.82 22.91 11.21
C LYS A 53 22.44 23.12 10.60
N ASP A 54 22.40 23.53 9.33
CA ASP A 54 21.14 23.70 8.63
C ASP A 54 20.71 22.43 7.85
N ARG A 55 21.40 21.32 8.10
CA ARG A 55 21.00 20.03 7.54
C ARG A 55 20.76 19.02 8.66
N PRO A 56 19.70 18.21 8.52
CA PRO A 56 19.50 17.14 9.50
C PRO A 56 20.69 16.18 9.47
N PRO A 57 20.95 15.50 10.59
CA PRO A 57 22.01 14.49 10.65
C PRO A 57 21.86 13.48 9.52
N LEU A 58 22.98 13.07 8.93
CA LEU A 58 22.96 12.15 7.81
C LEU A 58 23.61 10.83 8.20
N VAL A 59 22.90 9.73 8.00
CA VAL A 59 23.40 8.44 8.41
C VAL A 59 24.67 8.10 7.64
N PHE A 60 25.68 7.63 8.37
CA PHE A 60 26.95 7.32 7.75
C PHE A 60 26.87 6.04 6.90
N TYR A 61 27.45 6.08 5.70
CA TYR A 61 27.49 4.92 4.81
C TYR A 61 28.84 4.77 4.10
N TRP A 62 29.24 3.53 3.86
CA TRP A 62 30.49 3.26 3.16
C TRP A 62 30.37 3.40 1.64
N ILE A 63 29.53 2.56 1.01
CA ILE A 63 29.42 2.50 -0.44
C ILE A 63 28.68 3.67 -1.09
N PRO A 64 29.37 4.42 -1.96
CA PRO A 64 28.76 5.56 -2.66
C PRO A 64 27.52 5.16 -3.45
N TRP A 65 26.61 6.11 -3.63
CA TRP A 65 25.35 5.92 -4.36
C TRP A 65 24.36 4.95 -3.72
N VAL A 66 24.83 3.75 -3.33
CA VAL A 66 23.97 2.74 -2.74
C VAL A 66 23.40 3.24 -1.43
N GLY A 67 24.23 3.91 -0.64
CA GLY A 67 23.82 4.45 0.64
C GLY A 67 23.34 3.35 1.55
N SER A 68 22.35 3.69 2.40
CA SER A 68 21.82 2.76 3.39
C SER A 68 20.76 1.79 2.85
N ALA A 69 20.69 1.66 1.53
CA ALA A 69 19.72 0.81 0.84
C ALA A 69 19.54 -0.59 1.43
N VAL A 70 20.63 -1.22 1.83
CA VAL A 70 20.53 -2.63 2.20
C VAL A 70 19.82 -2.80 3.53
N VAL A 71 20.27 -2.10 4.56
CA VAL A 71 19.64 -2.25 5.86
C VAL A 71 18.23 -1.64 5.88
N TYR A 72 18.03 -0.55 5.15
CA TYR A 72 16.71 0.07 5.10
C TYR A 72 15.74 -0.82 4.33
N GLY A 73 16.21 -1.35 3.21
CA GLY A 73 15.42 -2.23 2.38
C GLY A 73 14.99 -3.51 3.05
N MET A 74 15.79 -4.00 4.01
CA MET A 74 15.51 -5.27 4.65
C MET A 74 14.79 -5.15 6.01
N LYS A 75 15.11 -4.14 6.80
CA LYS A 75 14.37 -3.95 8.05
C LYS A 75 14.24 -2.47 8.41
N PRO A 76 13.31 -1.80 7.74
CA PRO A 76 13.22 -0.34 7.82
C PRO A 76 12.78 0.17 9.18
N TYR A 77 12.00 -0.59 9.94
CA TYR A 77 11.63 -0.13 11.28
C TYR A 77 12.80 -0.22 12.25
N GLU A 78 13.59 -1.27 12.15
CA GLU A 78 14.79 -1.37 12.98
C GLU A 78 15.81 -0.30 12.58
N PHE A 79 15.87 0.01 11.29
CA PHE A 79 16.75 1.06 10.80
C PHE A 79 16.29 2.38 11.41
N PHE A 80 15.00 2.67 11.24
CA PHE A 80 14.41 3.88 11.80
C PHE A 80 14.65 4.01 13.29
N GLU A 81 14.50 2.92 14.03
CA GLU A 81 14.66 2.98 15.47
C GLU A 81 16.11 3.31 15.85
N GLU A 82 17.06 2.62 15.21
CA GLU A 82 18.46 2.84 15.52
C GLU A 82 18.86 4.28 15.21
N CYS A 83 18.41 4.78 14.07
CA CYS A 83 18.65 6.16 13.71
C CYS A 83 18.02 7.12 14.72
N GLN A 84 16.79 6.82 15.15
CA GLN A 84 16.06 7.70 16.07
C GLN A 84 16.78 7.78 17.42
N LYS A 85 17.44 6.69 17.81
CA LYS A 85 18.22 6.69 19.04
C LYS A 85 19.40 7.63 18.92
N LYS A 86 20.10 7.55 17.80
CA LYS A 86 21.30 8.37 17.58
C LYS A 86 20.99 9.85 17.36
N TYR A 87 19.99 10.16 16.53
CA TYR A 87 19.78 11.52 16.06
C TYR A 87 18.48 12.20 16.48
N GLY A 88 17.54 11.44 17.06
CA GLY A 88 16.19 11.96 17.24
C GLY A 88 15.33 11.73 16.00
N ASP A 89 14.25 12.50 15.85
CA ASP A 89 13.19 12.16 14.91
C ASP A 89 13.46 12.59 13.45
N ILE A 90 14.42 13.48 13.27
CA ILE A 90 14.75 13.95 11.93
C ILE A 90 16.16 13.51 11.58
N PHE A 91 16.29 12.80 10.46
CA PHE A 91 17.58 12.35 9.98
C PHE A 91 17.50 12.01 8.50
N SER A 92 18.64 11.95 7.85
CA SER A 92 18.67 11.69 6.41
C SER A 92 19.51 10.46 6.11
N PHE A 93 19.29 9.88 4.95
CA PHE A 93 20.12 8.77 4.54
C PHE A 93 20.09 8.62 3.02
N VAL A 94 21.18 8.11 2.47
CA VAL A 94 21.30 8.02 1.03
C VAL A 94 20.70 6.70 0.57
N LEU A 95 19.90 6.75 -0.48
CA LEU A 95 19.22 5.55 -0.94
C LEU A 95 19.30 5.45 -2.47
N LEU A 96 20.14 4.53 -2.94
CA LEU A 96 20.33 4.26 -4.38
C LEU A 96 20.23 5.51 -5.23
N GLY A 97 21.10 6.48 -4.94
CA GLY A 97 21.12 7.71 -5.70
C GLY A 97 20.55 8.95 -5.03
N ARG A 98 19.60 8.75 -4.12
CA ARG A 98 18.82 9.87 -3.60
C ARG A 98 19.05 10.12 -2.13
N VAL A 99 18.73 11.32 -1.67
CA VAL A 99 18.80 11.63 -0.25
C VAL A 99 17.40 11.66 0.36
N MET A 100 17.12 10.73 1.26
CA MET A 100 15.83 10.67 1.93
C MET A 100 15.87 11.32 3.31
N THR A 101 15.03 12.32 3.55
CA THR A 101 14.95 12.86 4.91
C THR A 101 13.71 12.32 5.62
N VAL A 102 13.96 11.57 6.69
CA VAL A 102 12.90 10.95 7.49
C VAL A 102 12.50 11.83 8.64
N TYR A 103 11.21 12.10 8.77
CA TYR A 103 10.68 12.79 9.95
C TYR A 103 9.68 11.89 10.68
N LEU A 104 10.17 11.23 11.73
CA LEU A 104 9.39 10.31 12.56
C LEU A 104 8.39 10.97 13.52
N GLY A 105 7.26 10.31 13.73
CA GLY A 105 6.27 10.75 14.70
C GLY A 105 5.20 11.64 14.10
N PRO A 106 4.22 12.04 14.92
CA PRO A 106 3.09 12.90 14.55
C PRO A 106 3.51 14.23 13.90
N LYS A 107 4.57 14.86 14.39
CA LYS A 107 5.10 16.09 13.75
C LYS A 107 5.51 15.81 12.30
N GLY A 108 6.12 14.64 12.09
CA GLY A 108 6.51 14.20 10.77
C GLY A 108 5.31 14.04 9.85
N HIS A 109 4.20 13.53 10.38
CA HIS A 109 3.02 13.34 9.55
C HIS A 109 2.55 14.74 9.10
N GLU A 110 2.55 15.66 10.07
CA GLU A 110 2.15 17.04 9.86
C GLU A 110 3.05 17.70 8.80
N PHE A 111 4.35 17.60 9.00
CA PHE A 111 5.32 18.19 8.09
C PHE A 111 5.21 17.65 6.64
N VAL A 112 4.80 16.40 6.46
CA VAL A 112 4.78 15.85 5.11
C VAL A 112 3.37 15.77 4.52
N PHE A 113 2.43 15.15 5.24
CA PHE A 113 1.08 14.99 4.69
C PHE A 113 0.37 16.34 4.49
N ASN A 114 0.64 17.28 5.39
CA ASN A 114 -0.01 18.58 5.31
C ASN A 114 0.85 19.66 4.63
N ALA A 115 1.97 19.25 4.04
CA ALA A 115 2.83 20.16 3.31
C ALA A 115 2.09 20.90 2.20
N LYS A 116 2.46 22.16 2.00
CA LYS A 116 1.99 22.95 0.87
C LYS A 116 2.26 22.25 -0.47
N LEU A 117 1.25 22.30 -1.34
CA LEU A 117 1.35 21.84 -2.72
C LEU A 117 2.66 22.19 -3.40
N ALA A 118 3.07 23.46 -3.31
CA ALA A 118 4.28 23.95 -3.97
C ALA A 118 5.59 23.39 -3.40
N ASP A 119 5.57 22.93 -2.15
CA ASP A 119 6.78 22.42 -1.51
C ASP A 119 7.19 21.00 -1.87
N VAL A 120 6.21 20.12 -2.11
CA VAL A 120 6.50 18.69 -2.30
C VAL A 120 5.63 18.10 -3.39
N SER A 121 6.10 17.02 -4.00
CA SER A 121 5.31 16.38 -5.03
C SER A 121 5.26 14.85 -4.83
N ALA A 122 4.05 14.32 -4.71
CA ALA A 122 3.92 12.86 -4.65
C ALA A 122 4.15 12.27 -6.04
N GLU A 123 3.60 12.93 -7.07
CA GLU A 123 3.71 12.40 -8.43
C GLU A 123 5.16 12.38 -8.91
N ALA A 124 5.97 13.34 -8.47
CA ALA A 124 7.39 13.31 -8.79
C ALA A 124 8.05 12.13 -8.12
N ALA A 125 7.57 11.75 -6.94
CA ALA A 125 8.09 10.58 -6.24
C ALA A 125 7.64 9.25 -6.87
N TYR A 126 6.39 9.18 -7.34
CA TYR A 126 5.76 7.88 -7.63
C TYR A 126 5.55 7.54 -9.12
N ALA A 127 5.44 8.56 -9.99
CA ALA A 127 5.03 8.35 -11.39
C ALA A 127 5.89 7.38 -12.19
N HIS A 128 7.18 7.34 -11.92
CA HIS A 128 8.07 6.50 -12.71
C HIS A 128 7.77 5.04 -12.43
N LEU A 129 7.11 4.80 -11.30
CA LEU A 129 6.73 3.46 -10.88
C LEU A 129 5.31 3.11 -11.35
N THR A 130 4.38 4.06 -11.25
CA THR A 130 2.96 3.73 -11.50
C THR A 130 2.49 3.88 -12.94
N THR A 131 2.93 4.94 -13.60
CA THR A 131 2.48 5.23 -14.98
C THR A 131 2.63 4.03 -15.92
N PRO A 132 3.80 3.37 -15.93
CA PRO A 132 3.89 2.19 -16.80
C PRO A 132 2.98 1.04 -16.38
N VAL A 133 2.60 0.98 -15.11
CA VAL A 133 1.76 -0.12 -14.65
C VAL A 133 0.29 0.17 -14.97
N PHE A 134 -0.15 1.39 -14.68
CA PHE A 134 -1.56 1.75 -14.86
C PHE A 134 -1.85 2.25 -16.26
N GLY A 135 -0.91 3.00 -16.84
CA GLY A 135 -1.16 3.69 -18.09
C GLY A 135 -1.08 5.20 -17.93
N LYS A 136 -1.12 5.89 -19.07
CA LYS A 136 -0.92 7.32 -19.13
C LYS A 136 -2.17 8.12 -18.77
N GLY A 137 -1.97 9.38 -18.42
CA GLY A 137 -3.09 10.30 -18.29
C GLY A 137 -3.77 10.31 -16.92
N VAL A 138 -3.43 9.38 -16.04
CA VAL A 138 -4.13 9.34 -14.75
C VAL A 138 -3.21 9.16 -13.53
N ILE A 139 -3.81 9.36 -12.35
CA ILE A 139 -3.15 9.19 -11.06
C ILE A 139 -1.95 10.11 -10.89
N TYR A 140 -0.77 9.64 -11.26
CA TYR A 140 0.45 10.43 -11.13
C TYR A 140 1.01 10.94 -12.50
N ASP A 141 0.25 10.72 -13.57
CA ASP A 141 0.64 11.09 -14.92
C ASP A 141 -0.24 12.25 -15.38
N CYS A 142 -0.28 13.28 -14.56
CA CYS A 142 -1.25 14.35 -14.67
C CYS A 142 -0.97 15.27 -13.50
N PRO A 143 -1.38 16.53 -13.60
CA PRO A 143 -1.13 17.43 -12.47
C PRO A 143 -1.99 17.07 -11.26
N ASN A 144 -1.58 17.54 -10.07
CA ASN A 144 -2.26 17.19 -8.83
C ASN A 144 -3.75 17.49 -8.88
N SER A 145 -4.12 18.58 -9.54
CA SER A 145 -5.51 19.00 -9.60
C SER A 145 -6.36 17.98 -10.32
N ARG A 146 -5.77 17.34 -11.32
CA ARG A 146 -6.43 16.27 -12.07
C ARG A 146 -6.66 15.05 -11.17
N LEU A 147 -5.61 14.63 -10.47
CA LEU A 147 -5.70 13.62 -9.44
C LEU A 147 -6.87 13.89 -8.46
N MET A 148 -6.97 15.14 -8.00
CA MET A 148 -8.01 15.50 -7.04
C MET A 148 -9.41 15.15 -7.56
N GLU A 149 -9.63 15.37 -8.85
CA GLU A 149 -10.95 15.17 -9.43
C GLU A 149 -11.21 13.70 -9.75
N GLN A 150 -10.15 12.98 -10.08
CA GLN A 150 -10.24 11.54 -10.25
C GLN A 150 -10.67 10.89 -8.95
N LYS A 151 -10.05 11.30 -7.84
CA LYS A 151 -10.45 10.79 -6.53
C LYS A 151 -11.92 11.10 -6.24
N LYS A 152 -12.36 12.30 -6.61
CA LYS A 152 -13.79 12.67 -6.55
C LYS A 152 -14.68 11.73 -7.38
N PHE A 153 -14.29 11.48 -8.64
CA PHE A 153 -15.05 10.58 -9.52
C PHE A 153 -15.23 9.21 -8.89
N VAL A 154 -14.12 8.65 -8.41
CA VAL A 154 -14.08 7.33 -7.82
C VAL A 154 -14.89 7.25 -6.52
N LYS A 155 -14.85 8.29 -5.69
CA LYS A 155 -15.65 8.32 -4.46
C LYS A 155 -17.15 8.20 -4.72
N GLY A 156 -17.56 8.57 -5.93
CA GLY A 156 -18.94 8.45 -6.35
C GLY A 156 -19.40 7.02 -6.55
N ALA A 157 -18.47 6.08 -6.64
CA ALA A 157 -18.84 4.66 -6.56
C ALA A 157 -18.48 4.05 -5.20
N LEU A 158 -18.22 4.89 -4.21
CA LEU A 158 -17.90 4.40 -2.86
C LEU A 158 -18.79 5.09 -1.84
N THR A 159 -20.10 5.03 -2.09
CA THR A 159 -21.06 5.63 -1.19
C THR A 159 -21.70 4.53 -0.34
N LYS A 160 -22.37 4.92 0.74
CA LYS A 160 -23.04 3.97 1.62
C LYS A 160 -24.02 3.06 0.84
N GLU A 161 -24.82 3.65 -0.04
CA GLU A 161 -25.72 2.87 -0.89
C GLU A 161 -24.97 1.94 -1.84
N ALA A 162 -23.78 2.34 -2.27
CA ALA A 162 -22.97 1.42 -3.04
C ALA A 162 -22.58 0.25 -2.14
N PHE A 163 -22.15 0.54 -0.91
CA PHE A 163 -21.73 -0.49 0.03
C PHE A 163 -22.87 -1.46 0.39
N LYS A 164 -24.10 -0.96 0.47
CA LYS A 164 -25.26 -1.85 0.72
C LYS A 164 -25.46 -2.86 -0.40
N SER A 165 -25.13 -2.47 -1.63
CA SER A 165 -25.27 -3.39 -2.73
C SER A 165 -24.03 -4.26 -2.91
N TYR A 166 -22.87 -3.79 -2.44
CA TYR A 166 -21.65 -4.59 -2.57
C TYR A 166 -21.60 -5.79 -1.61
N VAL A 167 -22.16 -5.61 -0.40
CA VAL A 167 -22.07 -6.61 0.66
C VAL A 167 -22.62 -7.98 0.25
N PRO A 168 -23.86 -8.05 -0.27
CA PRO A 168 -24.29 -9.37 -0.74
C PRO A 168 -23.47 -9.94 -1.92
N LEU A 169 -22.92 -9.09 -2.78
CA LEU A 169 -22.17 -9.59 -3.93
C LEU A 169 -20.86 -10.18 -3.46
N ILE A 170 -20.24 -9.48 -2.52
CA ILE A 170 -18.99 -9.91 -1.88
C ILE A 170 -19.19 -11.20 -1.05
N ALA A 171 -20.33 -11.29 -0.37
CA ALA A 171 -20.64 -12.49 0.41
C ALA A 171 -20.82 -13.68 -0.53
N GLU A 172 -21.56 -13.46 -1.60
CA GLU A 172 -21.77 -14.49 -2.63
C GLU A 172 -20.41 -15.03 -3.11
N GLU A 173 -19.45 -14.12 -3.33
CA GLU A 173 -18.12 -14.53 -3.80
C GLU A 173 -17.32 -15.33 -2.78
N VAL A 174 -17.45 -14.99 -1.50
CA VAL A 174 -16.69 -15.70 -0.47
C VAL A 174 -17.24 -17.12 -0.37
N TYR A 175 -18.56 -17.25 -0.44
CA TYR A 175 -19.17 -18.57 -0.36
C TYR A 175 -18.81 -19.40 -1.58
N LYS A 176 -18.85 -18.79 -2.77
CA LYS A 176 -18.42 -19.46 -4.01
C LYS A 176 -16.99 -19.96 -3.87
N TYR A 177 -16.15 -19.16 -3.24
CA TYR A 177 -14.76 -19.53 -3.05
C TYR A 177 -14.62 -20.71 -2.08
N PHE A 178 -15.43 -20.72 -1.03
CA PHE A 178 -15.43 -21.83 -0.07
C PHE A 178 -15.90 -23.10 -0.76
N ARG A 179 -16.92 -22.97 -1.59
CA ARG A 179 -17.45 -24.09 -2.39
C ARG A 179 -16.50 -24.64 -3.45
N ASP A 180 -15.87 -23.77 -4.24
CA ASP A 180 -15.24 -24.21 -5.50
C ASP A 180 -13.71 -24.27 -5.46
N SER A 181 -13.06 -23.38 -4.71
CA SER A 181 -11.60 -23.34 -4.68
C SER A 181 -11.00 -24.61 -4.07
N LYS A 182 -9.99 -25.18 -4.73
CA LYS A 182 -9.31 -26.38 -4.23
C LYS A 182 -8.72 -26.22 -2.81
N ASN A 183 -8.55 -24.97 -2.38
CA ASN A 183 -7.99 -24.72 -1.06
C ASN A 183 -9.01 -24.99 0.04
N PHE A 184 -10.29 -24.99 -0.33
CA PHE A 184 -11.33 -25.30 0.65
C PHE A 184 -12.19 -26.50 0.20
N ARG A 185 -13.18 -26.28 -0.67
CA ARG A 185 -14.17 -27.32 -1.02
C ARG A 185 -14.88 -27.79 0.24
N LEU A 186 -15.77 -26.96 0.77
CA LEU A 186 -16.35 -27.24 2.08
C LEU A 186 -17.48 -28.27 2.00
N ASN A 187 -17.97 -28.55 0.79
CA ASN A 187 -18.99 -29.58 0.64
C ASN A 187 -18.35 -30.98 0.60
N GLU A 188 -17.02 -31.03 0.52
CA GLU A 188 -16.31 -32.30 0.39
C GLU A 188 -15.31 -32.52 1.51
N ARG A 189 -14.75 -31.43 2.03
CA ARG A 189 -13.78 -31.51 3.11
C ARG A 189 -14.22 -30.68 4.33
N THR A 190 -13.94 -31.19 5.52
CA THR A 190 -14.27 -30.53 6.79
C THR A 190 -13.03 -29.91 7.45
N THR A 191 -11.86 -30.20 6.90
CA THR A 191 -10.62 -29.68 7.42
C THR A 191 -9.55 -29.66 6.32
N GLY A 192 -8.55 -28.80 6.47
CA GLY A 192 -7.58 -28.59 5.42
C GLY A 192 -6.50 -27.60 5.82
N THR A 193 -5.39 -27.61 5.09
CA THR A 193 -4.34 -26.63 5.28
C THR A 193 -4.36 -25.65 4.11
N ILE A 194 -4.24 -24.35 4.40
CA ILE A 194 -4.14 -23.38 3.33
C ILE A 194 -2.94 -22.50 3.55
N ASP A 195 -2.46 -21.88 2.48
CA ASP A 195 -1.42 -20.87 2.57
C ASP A 195 -2.15 -19.53 2.44
N VAL A 196 -2.13 -18.69 3.46
CA VAL A 196 -2.98 -17.49 3.39
C VAL A 196 -2.53 -16.54 2.28
N MET A 197 -1.25 -16.58 1.92
CA MET A 197 -0.77 -15.76 0.80
C MET A 197 -1.10 -16.35 -0.57
N VAL A 198 -1.72 -17.54 -0.61
CA VAL A 198 -2.36 -18.01 -1.83
C VAL A 198 -3.84 -17.66 -1.83
N THR A 199 -4.55 -17.95 -0.73
CA THR A 199 -6.00 -17.72 -0.66
C THR A 199 -6.42 -16.25 -0.63
N GLN A 200 -5.73 -15.43 0.15
CA GLN A 200 -6.22 -14.07 0.32
C GLN A 200 -6.13 -13.21 -0.96
N PRO A 201 -5.01 -13.33 -1.71
CA PRO A 201 -5.05 -12.56 -2.97
C PRO A 201 -6.17 -12.99 -3.93
N GLU A 202 -6.51 -14.28 -3.97
CA GLU A 202 -7.59 -14.75 -4.86
C GLU A 202 -8.93 -14.24 -4.38
N MET A 203 -9.18 -14.40 -3.08
CA MET A 203 -10.44 -13.96 -2.48
C MET A 203 -10.60 -12.48 -2.65
N THR A 204 -9.49 -11.76 -2.54
CA THR A 204 -9.53 -10.32 -2.71
C THR A 204 -9.88 -9.89 -4.14
N ILE A 205 -9.19 -10.47 -5.14
CA ILE A 205 -9.39 -10.04 -6.52
C ILE A 205 -10.82 -10.42 -6.92
N PHE A 206 -11.27 -11.59 -6.47
CA PHE A 206 -12.62 -12.05 -6.81
C PHE A 206 -13.72 -11.17 -6.22
N THR A 207 -13.55 -10.73 -4.96
CA THR A 207 -14.57 -9.92 -4.32
C THR A 207 -14.49 -8.49 -4.85
N ALA A 208 -13.27 -7.95 -4.96
CA ALA A 208 -13.09 -6.60 -5.51
C ALA A 208 -13.59 -6.48 -6.97
N SER A 209 -13.27 -7.46 -7.81
CA SER A 209 -13.73 -7.45 -9.22
C SER A 209 -15.24 -7.44 -9.38
N ARG A 210 -15.87 -8.37 -8.68
CA ARG A 210 -17.30 -8.57 -8.83
C ARG A 210 -18.06 -7.29 -8.48
N SER A 211 -17.61 -6.57 -7.46
CA SER A 211 -18.37 -5.44 -6.94
C SER A 211 -17.94 -4.10 -7.53
N LEU A 212 -16.66 -3.89 -7.75
CA LEU A 212 -16.27 -2.60 -8.32
C LEU A 212 -16.29 -2.59 -9.87
N LEU A 213 -15.95 -3.71 -10.51
CA LEU A 213 -15.88 -3.79 -12.00
C LEU A 213 -17.09 -4.45 -12.65
N GLY A 214 -17.74 -5.38 -11.95
CA GLY A 214 -18.99 -5.94 -12.44
C GLY A 214 -18.94 -7.41 -12.75
N LYS A 215 -20.09 -7.98 -13.10
CA LYS A 215 -20.19 -9.43 -13.29
C LYS A 215 -19.37 -9.92 -14.49
N GLU A 216 -19.38 -9.16 -15.58
CA GLU A 216 -18.60 -9.49 -16.79
C GLU A 216 -17.11 -9.63 -16.49
N MET A 217 -16.54 -8.59 -15.89
CA MET A 217 -15.13 -8.59 -15.53
C MET A 217 -14.81 -9.71 -14.55
N ARG A 218 -15.71 -9.97 -13.62
CA ARG A 218 -15.47 -11.05 -12.65
C ARG A 218 -15.45 -12.38 -13.39
N ALA A 219 -16.34 -12.54 -14.36
CA ALA A 219 -16.37 -13.78 -15.13
C ALA A 219 -15.06 -14.00 -15.92
N LYS A 220 -14.42 -12.92 -16.36
CA LYS A 220 -13.12 -13.06 -17.00
C LYS A 220 -12.03 -13.62 -16.07
N LEU A 221 -12.18 -13.44 -14.77
CA LEU A 221 -11.16 -13.93 -13.85
C LEU A 221 -11.17 -15.46 -13.75
N ASP A 222 -12.23 -16.09 -14.23
CA ASP A 222 -12.30 -17.54 -14.30
C ASP A 222 -11.52 -18.14 -15.46
N THR A 223 -10.91 -17.30 -16.29
CA THR A 223 -10.15 -17.81 -17.43
C THR A 223 -8.69 -17.40 -17.33
N ASP A 224 -7.92 -17.72 -18.35
CA ASP A 224 -6.49 -17.47 -18.35
C ASP A 224 -6.21 -15.96 -18.28
N PHE A 225 -7.22 -15.17 -18.61
CA PHE A 225 -7.13 -13.71 -18.50
C PHE A 225 -6.63 -13.27 -17.13
N ALA A 226 -7.00 -14.03 -16.10
CA ALA A 226 -6.57 -13.74 -14.73
C ALA A 226 -5.05 -13.64 -14.62
N TYR A 227 -4.34 -14.40 -15.46
CA TYR A 227 -2.88 -14.40 -15.45
C TYR A 227 -2.31 -13.01 -15.76
N LEU A 228 -3.03 -12.21 -16.55
CA LEU A 228 -2.53 -10.88 -16.88
C LEU A 228 -2.41 -9.99 -15.64
N TYR A 229 -3.33 -10.11 -14.69
CA TYR A 229 -3.24 -9.29 -13.46
C TYR A 229 -1.96 -9.61 -12.68
N SER A 230 -1.58 -10.88 -12.67
CA SER A 230 -0.31 -11.28 -12.09
C SER A 230 0.92 -10.67 -12.80
N ASP A 231 0.91 -10.65 -14.13
CA ASP A 231 2.01 -10.02 -14.87
C ASP A 231 2.09 -8.56 -14.53
N LEU A 232 0.93 -7.94 -14.34
CA LEU A 232 0.87 -6.53 -14.04
C LEU A 232 1.51 -6.26 -12.69
N ASP A 233 1.37 -7.22 -11.77
CA ASP A 233 2.01 -7.11 -10.45
C ASP A 233 3.51 -6.97 -10.57
N LYS A 234 4.10 -7.73 -11.48
CA LYS A 234 5.55 -7.84 -11.55
C LYS A 234 6.21 -6.52 -11.99
N GLY A 235 5.41 -5.56 -12.44
CA GLY A 235 5.93 -4.25 -12.78
C GLY A 235 5.81 -3.31 -11.59
N PHE A 236 5.02 -3.75 -10.62
CA PHE A 236 4.72 -2.96 -9.43
C PHE A 236 5.61 -3.41 -8.28
N THR A 237 6.90 -3.52 -8.55
CA THR A 237 7.82 -4.06 -7.55
C THR A 237 8.85 -3.03 -7.13
N PRO A 238 9.39 -3.17 -5.90
CA PRO A 238 10.53 -2.37 -5.46
C PRO A 238 11.85 -2.72 -6.18
N ILE A 239 11.78 -3.12 -7.44
CA ILE A 239 12.97 -3.26 -8.26
C ILE A 239 12.80 -2.34 -9.47
N ASN A 240 11.54 -2.12 -9.84
CA ASN A 240 11.19 -1.06 -10.78
C ASN A 240 11.28 0.26 -10.02
N PHE A 241 11.31 0.12 -8.69
CA PHE A 241 11.75 1.14 -7.74
C PHE A 241 12.86 2.02 -8.31
N VAL A 242 13.89 1.36 -8.83
CA VAL A 242 15.15 2.01 -9.20
C VAL A 242 15.40 2.04 -10.70
N PHE A 243 15.06 0.95 -11.38
CA PHE A 243 15.16 0.90 -12.84
C PHE A 243 13.77 0.86 -13.46
N PRO A 244 13.20 2.03 -13.79
CA PRO A 244 11.83 2.09 -14.29
C PRO A 244 11.64 1.44 -15.66
N ASN A 245 12.70 1.38 -16.47
CA ASN A 245 12.55 0.87 -17.83
C ASN A 245 13.86 0.43 -18.48
N LEU A 246 14.26 -0.81 -18.22
CA LEU A 246 15.37 -1.40 -18.95
C LEU A 246 14.98 -2.81 -19.41
N PRO A 247 15.06 -3.02 -20.74
CA PRO A 247 14.34 -4.04 -21.52
C PRO A 247 14.75 -5.50 -21.30
N LEU A 248 14.08 -6.17 -20.38
CA LEU A 248 13.98 -7.63 -20.41
C LEU A 248 12.52 -8.02 -20.14
N GLU A 249 12.23 -9.31 -20.09
CA GLU A 249 10.89 -9.80 -20.40
C GLU A 249 9.73 -9.46 -19.44
N HIS A 250 9.94 -9.46 -18.13
CA HIS A 250 8.82 -9.18 -17.23
C HIS A 250 8.33 -7.74 -17.39
N TYR A 251 9.20 -6.87 -17.91
CA TYR A 251 8.81 -5.53 -18.35
C TYR A 251 7.84 -5.53 -19.52
N ARG A 252 8.04 -6.45 -20.47
CA ARG A 252 7.17 -6.55 -21.64
C ARG A 252 5.81 -7.11 -21.27
N LYS A 253 5.83 -8.17 -20.45
CA LYS A 253 4.61 -8.79 -19.96
C LYS A 253 3.78 -7.77 -19.18
N ARG A 254 4.46 -6.91 -18.42
CA ARG A 254 3.81 -5.77 -17.77
C ARG A 254 3.09 -4.87 -18.78
N ASP A 255 3.85 -4.33 -19.74
CA ASP A 255 3.28 -3.46 -20.76
C ASP A 255 2.16 -4.14 -21.55
N HIS A 256 2.33 -5.43 -21.83
CA HIS A 256 1.33 -6.22 -22.53
C HIS A 256 0.05 -6.37 -21.70
N ALA A 257 0.22 -6.72 -20.43
CA ALA A 257 -0.90 -6.82 -19.49
C ALA A 257 -1.72 -5.52 -19.42
N GLN A 258 -1.04 -4.39 -19.36
CA GLN A 258 -1.71 -3.09 -19.25
C GLN A 258 -2.61 -2.77 -20.46
N LYS A 259 -2.06 -2.94 -21.66
CA LYS A 259 -2.83 -2.78 -22.89
C LYS A 259 -3.99 -3.75 -22.91
N ALA A 260 -3.69 -5.01 -22.65
CA ALA A 260 -4.70 -6.07 -22.67
C ALA A 260 -5.83 -5.84 -21.65
N ILE A 261 -5.48 -5.44 -20.41
CA ILE A 261 -6.53 -5.23 -19.42
C ILE A 261 -7.29 -3.94 -19.74
N SER A 262 -6.57 -2.85 -20.03
CA SER A 262 -7.25 -1.62 -20.39
C SER A 262 -8.12 -1.81 -21.63
N GLY A 263 -7.61 -2.59 -22.59
CA GLY A 263 -8.34 -2.89 -23.81
C GLY A 263 -9.68 -3.53 -23.47
N THR A 264 -9.64 -4.50 -22.58
CA THR A 264 -10.84 -5.18 -22.13
C THR A 264 -11.81 -4.22 -21.44
N TYR A 265 -11.29 -3.37 -20.55
CA TYR A 265 -12.18 -2.42 -19.90
C TYR A 265 -12.80 -1.48 -20.95
N MET A 266 -11.97 -0.96 -21.86
CA MET A 266 -12.48 -0.05 -22.89
C MET A 266 -13.54 -0.72 -23.75
N SER A 267 -13.32 -2.00 -24.05
CA SER A 267 -14.30 -2.78 -24.79
C SER A 267 -15.67 -2.79 -24.09
N LEU A 268 -15.68 -3.07 -22.79
CA LEU A 268 -16.93 -3.12 -22.05
C LEU A 268 -17.57 -1.73 -21.93
N ILE A 269 -16.74 -0.72 -21.72
CA ILE A 269 -17.21 0.65 -21.73
C ILE A 269 -17.93 1.01 -23.04
N LYS A 270 -17.27 0.74 -24.16
CA LYS A 270 -17.83 1.10 -25.47
C LYS A 270 -19.10 0.32 -25.79
N GLU A 271 -19.19 -0.92 -25.33
CA GLU A 271 -20.40 -1.68 -25.59
C GLU A 271 -21.56 -1.18 -24.74
N ARG A 272 -21.28 -0.81 -23.49
CA ARG A 272 -22.33 -0.29 -22.62
C ARG A 272 -22.89 1.02 -23.17
N ARG A 273 -22.03 1.87 -23.75
CA ARG A 273 -22.50 3.13 -24.31
C ARG A 273 -23.25 2.89 -25.63
N LYS A 274 -22.82 1.86 -26.36
CA LYS A 274 -23.46 1.54 -27.63
C LYS A 274 -24.82 0.87 -27.42
N ASN A 275 -25.10 0.42 -26.20
CA ASN A 275 -26.42 -0.12 -25.90
C ASN A 275 -27.20 0.80 -24.96
N ASN A 276 -26.57 1.92 -24.58
CA ASN A 276 -27.03 2.73 -23.45
C ASN A 276 -27.36 1.83 -22.26
N ASP A 277 -26.51 0.82 -22.06
CA ASP A 277 -26.58 -0.09 -20.92
C ASP A 277 -25.75 0.50 -19.78
N ILE A 278 -26.13 1.70 -19.33
CA ILE A 278 -25.41 2.42 -18.29
C ILE A 278 -26.26 2.65 -17.04
N GLN A 279 -26.06 1.81 -16.03
CA GLN A 279 -26.88 1.85 -14.82
C GLN A 279 -26.15 2.46 -13.62
N ASP A 280 -26.25 1.77 -12.49
CA ASP A 280 -25.55 2.18 -11.27
C ASP A 280 -25.00 0.96 -10.57
N ARG A 281 -24.55 -0.01 -11.36
CA ARG A 281 -24.03 -1.25 -10.82
C ARG A 281 -22.61 -1.04 -10.26
N ASP A 282 -21.76 -0.41 -11.05
CA ASP A 282 -20.31 -0.46 -10.85
C ASP A 282 -19.56 0.84 -10.68
N LEU A 283 -18.25 0.71 -10.55
CA LEU A 283 -17.36 1.84 -10.73
C LEU A 283 -17.32 2.20 -12.22
N ILE A 284 -17.50 1.20 -13.09
CA ILE A 284 -17.53 1.43 -14.54
C ILE A 284 -18.73 2.30 -14.96
N ASP A 285 -19.93 1.88 -14.56
CA ASP A 285 -21.12 2.71 -14.77
C ASP A 285 -20.86 4.10 -14.22
N SER A 286 -20.33 4.15 -13.00
CA SER A 286 -20.12 5.41 -12.32
C SER A 286 -19.17 6.35 -13.07
N LEU A 287 -18.02 5.85 -13.50
CA LEU A 287 -17.06 6.72 -14.15
C LEU A 287 -17.58 7.14 -15.53
N MET A 288 -18.31 6.25 -16.22
CA MET A 288 -18.87 6.58 -17.53
C MET A 288 -19.87 7.73 -17.41
N LYS A 289 -20.60 7.79 -16.31
CA LYS A 289 -21.56 8.87 -16.08
C LYS A 289 -20.89 10.09 -15.46
N ASN A 290 -19.73 9.91 -14.85
CA ASN A 290 -19.15 10.97 -14.05
C ASN A 290 -17.64 10.96 -14.13
N SER A 291 -17.11 11.59 -15.17
CA SER A 291 -15.67 11.68 -15.37
C SER A 291 -15.33 12.93 -16.19
N THR A 292 -16.15 13.97 -16.05
CA THR A 292 -15.86 15.24 -16.69
C THR A 292 -15.24 16.21 -15.69
N TYR A 293 -13.99 16.56 -15.92
CA TYR A 293 -13.32 17.60 -15.14
C TYR A 293 -14.10 18.91 -15.13
N LYS A 294 -13.76 19.78 -14.19
CA LYS A 294 -14.47 21.02 -13.99
C LYS A 294 -14.24 22.00 -15.17
N ASP A 295 -13.11 21.87 -15.86
CA ASP A 295 -12.83 22.73 -17.00
C ASP A 295 -13.53 22.20 -18.26
N GLY A 296 -14.36 21.18 -18.09
CA GLY A 296 -15.18 20.67 -19.16
C GLY A 296 -14.56 19.55 -19.98
N VAL A 297 -13.27 19.29 -19.79
CA VAL A 297 -12.62 18.16 -20.46
C VAL A 297 -13.08 16.84 -19.88
N LYS A 298 -13.46 15.92 -20.77
CA LYS A 298 -13.88 14.59 -20.35
C LYS A 298 -12.69 13.65 -20.33
N MET A 299 -12.70 12.70 -19.39
CA MET A 299 -11.73 11.62 -19.41
C MET A 299 -11.96 10.79 -20.66
N THR A 300 -10.90 10.38 -21.34
CA THR A 300 -11.04 9.43 -22.46
C THR A 300 -11.41 8.06 -21.93
N ASP A 301 -11.81 7.17 -22.83
CA ASP A 301 -12.06 5.80 -22.46
C ASP A 301 -10.77 5.14 -22.02
N GLN A 302 -9.65 5.52 -22.63
CA GLN A 302 -8.35 4.99 -22.21
C GLN A 302 -8.02 5.41 -20.77
N GLU A 303 -8.36 6.66 -20.43
CA GLU A 303 -7.96 7.21 -19.14
C GLU A 303 -8.78 6.57 -18.01
N ILE A 304 -10.10 6.51 -18.21
CA ILE A 304 -11.01 5.78 -17.36
C ILE A 304 -10.55 4.34 -17.09
N ALA A 305 -10.23 3.61 -18.16
CA ALA A 305 -9.74 2.25 -18.00
C ALA A 305 -8.44 2.23 -17.20
N ASN A 306 -7.57 3.21 -17.43
CA ASN A 306 -6.29 3.25 -16.70
C ASN A 306 -6.54 3.56 -15.22
N LEU A 307 -7.58 4.35 -14.95
CA LEU A 307 -7.88 4.78 -13.60
C LEU A 307 -8.45 3.57 -12.82
N LEU A 308 -9.19 2.70 -13.53
CA LEU A 308 -9.72 1.45 -12.98
C LEU A 308 -8.61 0.50 -12.53
N ILE A 309 -7.62 0.34 -13.39
CA ILE A 309 -6.49 -0.50 -13.06
C ILE A 309 -5.75 0.00 -11.83
N GLY A 310 -5.49 1.31 -11.79
CA GLY A 310 -4.75 1.91 -10.69
C GLY A 310 -5.49 1.80 -9.36
N VAL A 311 -6.80 2.01 -9.40
CA VAL A 311 -7.58 2.04 -8.19
C VAL A 311 -7.73 0.61 -7.63
N LEU A 312 -8.01 -0.37 -8.49
CA LEU A 312 -8.07 -1.76 -8.04
C LEU A 312 -6.75 -2.43 -7.72
N MET A 313 -5.65 -2.00 -8.31
CA MET A 313 -4.36 -2.56 -7.96
C MET A 313 -3.92 -2.27 -6.52
N GLY A 314 -4.07 -1.01 -6.11
CA GLY A 314 -3.61 -0.58 -4.81
C GLY A 314 -4.40 -1.28 -3.72
N GLY A 315 -5.72 -1.18 -3.82
CA GLY A 315 -6.64 -1.83 -2.91
C GLY A 315 -6.50 -3.34 -2.85
N GLN A 316 -6.05 -3.95 -3.94
CA GLN A 316 -5.89 -5.40 -4.00
C GLN A 316 -4.81 -5.89 -3.04
N HIS A 317 -3.61 -5.33 -3.15
CA HIS A 317 -2.48 -5.81 -2.34
C HIS A 317 -2.50 -5.40 -0.88
N THR A 318 -3.06 -4.23 -0.57
CA THR A 318 -3.13 -3.77 0.82
C THR A 318 -4.15 -4.58 1.58
N SER A 319 -5.30 -4.78 0.94
CA SER A 319 -6.39 -5.53 1.51
C SER A 319 -6.07 -7.03 1.63
N ALA A 320 -5.46 -7.63 0.60
CA ALA A 320 -5.08 -9.05 0.68
C ALA A 320 -4.05 -9.28 1.78
N ALA A 321 -3.08 -8.38 1.88
CA ALA A 321 -2.09 -8.51 2.92
C ALA A 321 -2.76 -8.39 4.32
N THR A 322 -3.81 -7.58 4.42
CA THR A 322 -4.40 -7.29 5.71
C THR A 322 -5.24 -8.50 6.20
N SER A 323 -5.98 -9.13 5.29
CA SER A 323 -6.79 -10.26 5.69
C SER A 323 -5.89 -11.44 5.97
N ALA A 324 -4.76 -11.50 5.29
CA ALA A 324 -3.78 -12.53 5.61
C ALA A 324 -3.23 -12.34 7.05
N TRP A 325 -2.86 -11.12 7.42
CA TRP A 325 -2.39 -10.86 8.78
C TRP A 325 -3.47 -11.13 9.84
N ILE A 326 -4.72 -10.75 9.55
CA ILE A 326 -5.84 -11.02 10.44
C ILE A 326 -5.92 -12.52 10.71
N LEU A 327 -5.99 -13.32 9.63
CA LEU A 327 -6.07 -14.76 9.75
C LEU A 327 -4.88 -15.27 10.57
N LEU A 328 -3.69 -14.73 10.32
CA LEU A 328 -2.52 -15.19 11.06
C LEU A 328 -2.57 -14.83 12.55
N HIS A 329 -2.98 -13.61 12.93
CA HIS A 329 -3.03 -13.29 14.34
C HIS A 329 -4.11 -14.09 15.05
N LEU A 330 -5.23 -14.30 14.38
CA LEU A 330 -6.33 -15.00 15.02
C LEU A 330 -6.00 -16.48 15.21
N ALA A 331 -5.15 -17.04 14.34
CA ALA A 331 -4.83 -18.47 14.36
C ALA A 331 -4.19 -18.91 15.69
N GLU A 332 -3.63 -17.97 16.43
CA GLU A 332 -3.07 -18.30 17.73
C GLU A 332 -3.89 -17.66 18.85
N ARG A 333 -5.11 -17.22 18.52
CA ARG A 333 -5.99 -16.60 19.52
C ARG A 333 -7.40 -17.15 19.41
N PRO A 334 -7.56 -18.43 19.82
CA PRO A 334 -8.91 -19.01 19.87
C PRO A 334 -9.81 -18.21 20.82
N ASP A 335 -9.23 -17.57 21.83
CA ASP A 335 -10.04 -16.65 22.66
C ASP A 335 -10.69 -15.53 21.82
N VAL A 336 -9.92 -14.90 20.92
CA VAL A 336 -10.51 -13.85 20.06
C VAL A 336 -11.49 -14.40 19.00
N GLN A 337 -11.20 -15.55 18.40
CA GLN A 337 -12.19 -16.20 17.51
C GLN A 337 -13.52 -16.44 18.24
N GLN A 338 -13.41 -16.96 19.45
CA GLN A 338 -14.58 -17.22 20.27
C GLN A 338 -15.41 -15.94 20.49
N GLU A 339 -14.74 -14.90 20.98
CA GLU A 339 -15.39 -13.59 21.15
C GLU A 339 -16.00 -13.02 19.85
N LEU A 340 -15.24 -13.03 18.73
CA LEU A 340 -15.82 -12.62 17.46
C LEU A 340 -17.03 -13.47 17.07
N TYR A 341 -16.93 -14.79 17.26
CA TYR A 341 -18.07 -15.65 17.00
C TYR A 341 -19.31 -15.23 17.81
N GLU A 342 -19.16 -15.01 19.12
CA GLU A 342 -20.30 -14.57 19.93
C GLU A 342 -20.89 -13.26 19.37
N GLU A 343 -20.05 -12.30 19.02
CA GLU A 343 -20.58 -11.08 18.36
C GLU A 343 -21.38 -11.40 17.11
N GLN A 344 -20.87 -12.29 16.26
CA GLN A 344 -21.65 -12.71 15.07
C GLN A 344 -23.03 -13.30 15.42
N MET A 345 -23.10 -14.18 16.42
CA MET A 345 -24.38 -14.80 16.79
C MET A 345 -25.37 -13.77 17.31
N ARG A 346 -24.91 -12.87 18.17
CA ARG A 346 -25.76 -11.81 18.70
C ARG A 346 -26.29 -10.84 17.62
N VAL A 347 -25.40 -10.22 16.85
CA VAL A 347 -25.82 -9.28 15.82
C VAL A 347 -26.64 -9.95 14.71
N LEU A 348 -26.30 -11.19 14.35
CA LEU A 348 -26.99 -11.81 13.23
C LEU A 348 -28.03 -12.81 13.69
N ASP A 349 -28.38 -12.74 14.98
CA ASP A 349 -29.43 -13.59 15.54
C ASP A 349 -29.23 -15.07 15.19
N GLY A 350 -28.12 -15.62 15.63
CA GLY A 350 -27.82 -17.02 15.40
C GLY A 350 -27.51 -17.38 13.96
N GLY A 351 -27.51 -16.40 13.06
CA GLY A 351 -27.27 -16.67 11.66
C GLY A 351 -28.52 -16.46 10.83
N LYS A 352 -29.65 -16.30 11.49
CA LYS A 352 -30.92 -16.15 10.80
C LYS A 352 -31.11 -14.76 10.17
N LYS A 353 -30.21 -13.82 10.46
CA LYS A 353 -30.23 -12.55 9.75
C LYS A 353 -29.20 -12.59 8.64
N GLU A 354 -29.57 -12.12 7.47
CA GLU A 354 -28.62 -11.96 6.38
C GLU A 354 -27.70 -10.78 6.66
N LEU A 355 -26.41 -10.98 6.40
CA LEU A 355 -25.43 -9.89 6.54
C LEU A 355 -25.73 -8.74 5.57
N THR A 356 -25.79 -7.53 6.11
CA THR A 356 -25.95 -6.29 5.32
C THR A 356 -24.93 -5.27 5.79
N TYR A 357 -24.74 -4.21 5.02
CA TYR A 357 -23.80 -3.16 5.40
C TYR A 357 -24.15 -2.52 6.75
N ASP A 358 -25.45 -2.35 7.01
CA ASP A 358 -25.90 -1.77 8.27
C ASP A 358 -25.47 -2.65 9.46
N LEU A 359 -25.73 -3.94 9.37
CA LEU A 359 -25.35 -4.89 10.42
C LEU A 359 -23.83 -5.00 10.63
N LEU A 360 -23.04 -4.86 9.56
CA LEU A 360 -21.58 -4.75 9.69
C LEU A 360 -21.19 -3.63 10.66
N GLN A 361 -21.93 -2.54 10.65
CA GLN A 361 -21.55 -1.39 11.48
C GLN A 361 -21.87 -1.63 12.97
N GLU A 362 -22.60 -2.70 13.26
CA GLU A 362 -22.91 -3.05 14.64
C GLU A 362 -22.02 -4.18 15.13
N MET A 363 -20.90 -4.41 14.45
CA MET A 363 -19.95 -5.43 14.90
C MET A 363 -18.67 -4.77 15.35
N PRO A 364 -18.67 -4.15 16.53
CA PRO A 364 -17.48 -3.35 16.86
C PRO A 364 -16.23 -4.20 17.05
N LEU A 365 -16.35 -5.40 17.63
CA LEU A 365 -15.17 -6.23 17.87
C LEU A 365 -14.51 -6.70 16.54
N LEU A 366 -15.31 -6.93 15.51
CA LEU A 366 -14.78 -7.32 14.20
C LEU A 366 -14.05 -6.13 13.58
N ASN A 367 -14.66 -4.95 13.67
CA ASN A 367 -14.04 -3.73 13.12
C ASN A 367 -12.81 -3.32 13.90
N GLN A 368 -12.79 -3.62 15.19
CA GLN A 368 -11.61 -3.40 16.03
C GLN A 368 -10.50 -4.38 15.68
N THR A 369 -10.87 -5.59 15.25
CA THR A 369 -9.89 -6.59 14.85
C THR A 369 -9.15 -6.10 13.60
N ILE A 370 -9.91 -5.62 12.62
CA ILE A 370 -9.33 -4.99 11.45
C ILE A 370 -8.44 -3.78 11.87
N LYS A 371 -8.97 -2.92 12.74
CA LYS A 371 -8.25 -1.71 13.17
C LYS A 371 -6.89 -2.06 13.76
N GLU A 372 -6.89 -3.10 14.59
CA GLU A 372 -5.72 -3.50 15.36
C GLU A 372 -4.69 -4.17 14.45
N THR A 373 -5.17 -4.95 13.48
CA THR A 373 -4.29 -5.57 12.48
C THR A 373 -3.60 -4.49 11.65
N LEU A 374 -4.39 -3.52 11.21
CA LEU A 374 -3.81 -2.38 10.49
C LEU A 374 -2.85 -1.56 11.35
N ARG A 375 -2.97 -1.66 12.68
CA ARG A 375 -2.03 -0.95 13.53
C ARG A 375 -0.70 -1.69 13.55
N MET A 376 -0.74 -3.01 13.63
CA MET A 376 0.48 -3.79 13.71
C MET A 376 1.09 -4.08 12.35
N HIS A 377 0.29 -3.95 11.29
CA HIS A 377 0.76 -4.28 9.95
C HIS A 377 0.32 -3.28 8.91
N HIS A 378 0.91 -2.11 8.91
CA HIS A 378 0.64 -1.15 7.86
C HIS A 378 1.21 -1.72 6.60
N PRO A 379 0.38 -1.81 5.56
CA PRO A 379 0.80 -2.36 4.26
C PRO A 379 1.94 -1.55 3.60
N LEU A 380 2.11 -0.27 3.96
CA LEU A 380 3.20 0.53 3.38
C LEU A 380 4.04 1.15 4.47
N HIS A 381 5.27 0.67 4.63
CA HIS A 381 6.06 1.14 5.76
C HIS A 381 6.60 2.57 5.54
N SER A 382 6.53 3.07 4.33
CA SER A 382 7.14 4.35 3.96
C SER A 382 6.34 5.07 2.90
N LEU A 383 6.12 6.37 3.08
CA LEU A 383 5.44 7.15 2.06
C LEU A 383 6.37 8.31 1.68
N PHE A 384 6.39 8.67 0.40
CA PHE A 384 7.40 9.59 -0.12
C PHE A 384 6.80 10.80 -0.79
N ARG A 385 7.56 11.89 -0.76
CA ARG A 385 7.32 13.07 -1.60
C ARG A 385 8.67 13.58 -2.09
N LYS A 386 8.71 14.10 -3.30
CA LYS A 386 9.92 14.81 -3.73
C LYS A 386 9.81 16.26 -3.30
N VAL A 387 10.86 16.76 -2.64
CA VAL A 387 10.90 18.15 -2.21
C VAL A 387 11.18 19.10 -3.40
N MET A 388 10.25 20.02 -3.64
CA MET A 388 10.31 20.89 -4.81
C MET A 388 10.89 22.28 -4.50
N LYS A 389 10.72 22.75 -3.27
CA LYS A 389 11.30 24.01 -2.82
C LYS A 389 12.00 23.79 -1.49
N ASP A 390 13.10 24.50 -1.26
CA ASP A 390 13.78 24.44 0.04
C ASP A 390 12.75 24.62 1.18
N MET A 391 12.65 23.62 2.04
CA MET A 391 11.70 23.68 3.15
C MET A 391 12.42 23.88 4.47
N HIS A 392 11.97 24.86 5.25
CA HIS A 392 12.44 25.01 6.62
C HIS A 392 11.63 24.13 7.57
N VAL A 393 12.32 23.51 8.52
CA VAL A 393 11.66 22.66 9.51
C VAL A 393 11.44 23.44 10.80
N PRO A 394 10.17 23.63 11.19
CA PRO A 394 9.77 24.40 12.37
C PRO A 394 10.53 24.01 13.63
N ASN A 395 10.89 25.02 14.42
CA ASN A 395 11.61 24.86 15.67
C ASN A 395 12.97 24.19 15.51
N THR A 396 13.54 24.28 14.32
CA THR A 396 14.92 23.88 14.07
C THR A 396 15.59 24.90 13.16
N SER A 397 16.90 24.73 12.96
CA SER A 397 17.60 25.47 11.93
C SER A 397 17.74 24.64 10.64
N TYR A 398 17.10 23.46 10.63
CA TYR A 398 17.15 22.56 9.49
C TYR A 398 16.44 23.13 8.26
N VAL A 399 17.12 23.06 7.13
CA VAL A 399 16.51 23.35 5.84
C VAL A 399 16.60 22.09 4.99
N ILE A 400 15.48 21.68 4.40
CA ILE A 400 15.46 20.54 3.49
C ILE A 400 15.47 21.08 2.08
N PRO A 401 16.60 20.96 1.39
CA PRO A 401 16.75 21.54 0.05
C PRO A 401 15.89 20.86 -0.99
N ALA A 402 15.48 21.61 -2.01
CA ALA A 402 14.81 21.03 -3.16
C ALA A 402 15.70 19.92 -3.76
N GLY A 403 15.07 18.83 -4.19
CA GLY A 403 15.77 17.69 -4.76
C GLY A 403 15.96 16.57 -3.76
N TYR A 404 15.81 16.89 -2.48
CA TYR A 404 15.71 15.86 -1.45
C TYR A 404 14.35 15.19 -1.52
N HIS A 405 14.24 14.05 -0.85
CA HIS A 405 12.93 13.43 -0.63
C HIS A 405 12.56 13.38 0.84
N VAL A 406 11.27 13.57 1.12
CA VAL A 406 10.84 13.35 2.50
C VAL A 406 10.12 12.00 2.61
N LEU A 407 10.42 11.29 3.69
CA LEU A 407 9.88 9.97 3.96
C LEU A 407 9.12 10.04 5.27
N VAL A 408 7.84 9.68 5.25
CA VAL A 408 7.04 9.64 6.45
C VAL A 408 6.63 8.17 6.70
N SER A 409 6.51 7.78 7.97
CA SER A 409 6.26 6.37 8.32
C SER A 409 5.32 6.21 9.48
N PRO A 410 4.03 6.38 9.25
CA PRO A 410 3.07 6.26 10.34
C PRO A 410 3.05 4.84 10.91
N GLY A 411 3.30 3.84 10.06
CA GLY A 411 3.50 2.48 10.51
C GLY A 411 4.54 2.27 11.60
N TYR A 412 5.58 3.11 11.62
CA TYR A 412 6.58 3.03 12.69
C TYR A 412 5.98 3.51 14.03
N THR A 413 5.26 4.63 13.99
CA THR A 413 4.63 5.17 15.19
C THR A 413 3.59 4.19 15.74
N HIS A 414 2.91 3.50 14.83
CA HIS A 414 1.93 2.48 15.19
C HIS A 414 2.52 1.46 16.15
N LEU A 415 3.83 1.26 16.05
CA LEU A 415 4.52 0.26 16.85
C LEU A 415 5.30 0.82 18.03
N ARG A 416 5.06 2.08 18.38
CA ARG A 416 5.78 2.67 19.52
C ARG A 416 4.97 2.53 20.83
N ASP A 417 5.61 2.08 21.89
CA ASP A 417 4.94 1.97 23.20
C ASP A 417 4.41 3.30 23.72
N GLU A 418 5.10 4.40 23.42
CA GLU A 418 4.68 5.72 23.92
C GLU A 418 3.31 6.09 23.43
N TYR A 419 2.92 5.59 22.27
CA TYR A 419 1.60 5.95 21.74
C TYR A 419 0.60 4.81 21.82
N PHE A 420 1.11 3.62 22.06
CA PHE A 420 0.29 2.42 22.04
C PHE A 420 0.94 1.49 23.02
N PRO A 421 0.51 1.57 24.30
CA PRO A 421 1.07 0.75 25.38
C PRO A 421 1.12 -0.70 24.94
N ASN A 422 2.22 -1.39 25.19
CA ASN A 422 2.40 -2.77 24.77
C ASN A 422 2.18 -2.93 23.27
N ALA A 423 2.95 -2.20 22.48
CA ALA A 423 2.65 -2.02 21.07
C ALA A 423 2.80 -3.32 20.25
N HIS A 424 3.66 -4.21 20.70
CA HIS A 424 3.95 -5.44 19.99
C HIS A 424 2.99 -6.55 20.40
N GLN A 425 1.98 -6.18 21.19
CA GLN A 425 0.92 -7.11 21.54
C GLN A 425 -0.36 -6.88 20.72
N PHE A 426 -0.89 -7.95 20.13
CA PHE A 426 -2.15 -7.90 19.39
C PHE A 426 -3.28 -7.85 20.42
N ASN A 427 -3.94 -6.69 20.51
CA ASN A 427 -4.97 -6.45 21.53
C ASN A 427 -6.07 -5.56 20.97
N ILE A 428 -7.17 -6.20 20.59
CA ILE A 428 -8.27 -5.53 19.92
C ILE A 428 -9.05 -4.70 20.93
N HIS A 429 -8.91 -5.03 22.21
CA HIS A 429 -9.66 -4.28 23.21
C HIS A 429 -9.06 -2.92 23.51
N ARG A 430 -7.81 -2.67 23.11
CA ARG A 430 -7.29 -1.30 23.17
C ARG A 430 -8.18 -0.33 22.38
N TRP A 431 -9.04 -0.84 21.50
CA TRP A 431 -9.97 0.01 20.73
C TRP A 431 -11.41 -0.06 21.21
N ASN A 432 -11.66 -0.59 22.41
CA ASN A 432 -12.98 -0.55 23.02
C ASN A 432 -13.62 0.84 22.96
N ASN A 433 -14.86 0.88 22.47
CA ASN A 433 -15.58 2.14 22.22
C ASN A 433 -14.72 3.11 21.41
N ASP A 434 -14.22 2.61 20.28
CA ASP A 434 -13.38 3.37 19.34
C ASP A 434 -13.10 2.49 18.13
N SER A 435 -14.16 1.98 17.52
CA SER A 435 -14.04 0.93 16.51
C SER A 435 -14.05 1.48 15.10
N ALA A 436 -14.11 2.81 14.98
CA ALA A 436 -14.15 3.46 13.67
C ALA A 436 -12.83 3.32 12.92
N SER A 437 -12.93 3.14 11.60
CA SER A 437 -11.77 3.00 10.73
C SER A 437 -10.78 4.15 10.87
N SER A 438 -11.29 5.29 11.31
CA SER A 438 -10.52 6.53 11.50
C SER A 438 -11.53 7.59 11.92
N TYR A 439 -11.06 8.69 12.51
CA TYR A 439 -11.97 9.77 12.83
C TYR A 439 -11.24 11.11 12.90
N SER A 440 -11.94 12.16 12.49
CA SER A 440 -11.38 13.50 12.49
C SER A 440 -11.73 14.20 13.79
N VAL A 441 -10.76 14.27 14.70
CA VAL A 441 -10.98 14.90 16.00
C VAL A 441 -11.02 16.43 15.91
N GLY A 442 -11.80 16.96 14.95
CA GLY A 442 -12.03 18.40 14.84
C GLY A 442 -12.26 19.00 13.45
N GLU A 443 -11.44 19.99 13.13
CA GLU A 443 -11.62 20.80 11.94
C GLU A 443 -11.33 20.06 10.63
N GLU A 444 -12.15 20.31 9.61
CA GLU A 444 -11.96 19.66 8.31
C GLU A 444 -11.55 20.61 7.19
N VAL A 445 -11.27 20.02 6.02
CA VAL A 445 -10.81 20.75 4.85
C VAL A 445 -11.15 19.88 3.64
N ASP A 446 -11.21 20.48 2.45
CA ASP A 446 -11.58 19.75 1.25
C ASP A 446 -10.61 20.08 0.13
N TYR A 447 -9.92 19.07 -0.37
CA TYR A 447 -8.92 19.29 -1.42
C TYR A 447 -9.48 19.08 -2.82
N GLY A 448 -10.78 18.76 -2.90
CA GLY A 448 -11.39 18.45 -4.17
C GLY A 448 -12.14 17.13 -4.24
N PHE A 449 -11.94 16.28 -3.22
CA PHE A 449 -12.61 14.98 -3.19
C PHE A 449 -13.35 14.78 -1.84
N GLY A 450 -13.78 15.88 -1.23
CA GLY A 450 -14.62 15.78 -0.06
C GLY A 450 -13.93 16.24 1.21
N ALA A 451 -14.73 16.57 2.22
CA ALA A 451 -14.19 17.02 3.51
C ALA A 451 -13.50 15.90 4.26
N ILE A 452 -12.21 16.09 4.50
CA ILE A 452 -11.40 15.17 5.28
C ILE A 452 -10.78 15.97 6.42
N SER A 453 -10.11 15.29 7.34
CA SER A 453 -9.52 15.98 8.47
C SER A 453 -8.42 16.96 8.06
N LYS A 454 -8.39 18.11 8.71
CA LYS A 454 -7.34 19.09 8.53
C LYS A 454 -6.10 18.70 9.36
N GLY A 455 -6.30 18.33 10.62
CA GLY A 455 -5.21 17.83 11.43
C GLY A 455 -4.78 16.44 10.95
N VAL A 456 -3.48 16.23 10.85
CA VAL A 456 -2.95 14.92 10.50
C VAL A 456 -1.96 14.57 11.59
N SER A 457 -2.38 14.70 12.82
CA SER A 457 -1.47 14.50 13.95
C SER A 457 -1.76 13.24 14.75
N SER A 458 -2.87 12.55 14.47
CA SER A 458 -3.14 11.24 15.07
C SER A 458 -1.90 10.32 14.99
N PRO A 459 -1.51 9.71 16.10
CA PRO A 459 -0.42 8.72 15.98
C PRO A 459 -0.83 7.45 15.20
N TYR A 460 -2.13 7.29 14.99
CA TYR A 460 -2.70 6.22 14.20
C TYR A 460 -3.18 6.79 12.87
N LEU A 461 -2.46 6.45 11.81
CA LEU A 461 -2.75 6.98 10.47
C LEU A 461 -2.64 5.95 9.37
N PRO A 462 -3.47 4.89 9.42
CA PRO A 462 -3.24 3.85 8.42
C PRO A 462 -3.55 4.32 7.00
N PHE A 463 -4.34 5.38 6.88
CA PHE A 463 -4.81 5.77 5.57
C PHE A 463 -4.20 7.10 5.14
N GLY A 464 -3.13 7.50 5.83
CA GLY A 464 -2.46 8.75 5.56
C GLY A 464 -3.34 9.93 5.92
N GLY A 465 -3.11 11.05 5.25
CA GLY A 465 -3.89 12.25 5.43
C GLY A 465 -3.48 13.36 4.47
N GLY A 466 -4.24 14.45 4.44
CA GLY A 466 -3.92 15.53 3.53
C GLY A 466 -4.37 15.22 2.13
N ARG A 467 -3.89 15.98 1.15
CA ARG A 467 -4.44 15.93 -0.20
C ARG A 467 -4.33 14.55 -0.85
N HIS A 468 -3.32 13.78 -0.45
CA HIS A 468 -3.09 12.43 -0.98
C HIS A 468 -3.76 11.28 -0.19
N ARG A 469 -4.63 11.62 0.76
CA ARG A 469 -5.28 10.63 1.65
C ARG A 469 -6.04 9.52 0.89
N CYS A 470 -5.94 8.28 1.39
CA CYS A 470 -6.72 7.17 0.83
C CYS A 470 -8.20 7.49 0.76
N ILE A 471 -8.85 7.04 -0.31
CA ILE A 471 -10.29 7.17 -0.41
C ILE A 471 -10.94 5.80 -0.36
N GLY A 472 -10.14 4.77 -0.11
CA GLY A 472 -10.67 3.42 -0.15
C GLY A 472 -10.96 2.79 1.22
N GLU A 473 -10.80 3.55 2.30
CA GLU A 473 -10.83 2.96 3.63
C GLU A 473 -12.15 2.25 3.88
N HIS A 474 -13.26 2.85 3.45
CA HIS A 474 -14.55 2.30 3.77
C HIS A 474 -14.83 1.11 2.88
N PHE A 475 -14.33 1.15 1.66
CA PHE A 475 -14.47 0.00 0.81
C PHE A 475 -13.70 -1.16 1.44
N ALA A 476 -12.48 -0.89 1.89
CA ALA A 476 -11.65 -1.94 2.44
C ALA A 476 -12.28 -2.56 3.73
N TYR A 477 -12.86 -1.72 4.60
CA TYR A 477 -13.55 -2.24 5.78
C TYR A 477 -14.76 -3.04 5.36
N CYS A 478 -15.39 -2.65 4.27
CA CYS A 478 -16.58 -3.37 3.86
C CYS A 478 -16.22 -4.78 3.39
N GLN A 479 -15.20 -4.86 2.53
CA GLN A 479 -14.69 -6.12 2.00
C GLN A 479 -14.06 -6.99 3.09
N LEU A 480 -13.15 -6.43 3.87
CA LEU A 480 -12.57 -7.14 5.02
C LEU A 480 -13.64 -7.56 6.01
N GLY A 481 -14.65 -6.70 6.20
CA GLY A 481 -15.73 -6.97 7.15
C GLY A 481 -16.52 -8.20 6.77
N VAL A 482 -17.03 -8.20 5.53
CA VAL A 482 -17.81 -9.30 4.99
C VAL A 482 -17.01 -10.61 4.98
N LEU A 483 -15.83 -10.55 4.40
CA LEU A 483 -14.91 -11.67 4.43
C LEU A 483 -14.69 -12.24 5.84
N MET A 484 -14.33 -11.38 6.80
CA MET A 484 -14.01 -11.89 8.13
C MET A 484 -15.25 -12.41 8.87
N SER A 485 -16.39 -11.77 8.66
CA SER A 485 -17.64 -12.23 9.22
C SER A 485 -17.98 -13.67 8.76
N ILE A 486 -17.73 -13.97 7.48
CA ILE A 486 -18.04 -15.30 6.95
C ILE A 486 -17.00 -16.33 7.40
N PHE A 487 -15.74 -15.91 7.47
CA PHE A 487 -14.69 -16.78 7.94
C PHE A 487 -15.01 -17.24 9.36
N ILE A 488 -15.28 -16.27 10.25
CA ILE A 488 -15.58 -16.50 11.64
C ILE A 488 -16.80 -17.41 11.83
N ARG A 489 -17.89 -17.13 11.14
CA ARG A 489 -19.09 -17.94 11.30
C ARG A 489 -18.95 -19.38 10.76
N THR A 490 -18.10 -19.59 9.76
CA THR A 490 -17.96 -20.87 9.09
C THR A 490 -16.85 -21.74 9.64
N LEU A 491 -15.71 -21.13 9.98
CA LEU A 491 -14.50 -21.88 10.29
C LEU A 491 -13.88 -21.52 11.65
N LYS A 492 -13.18 -22.50 12.23
CA LYS A 492 -12.19 -22.27 13.26
C LYS A 492 -10.89 -22.52 12.57
N TRP A 493 -9.79 -22.03 13.14
CA TRP A 493 -8.51 -22.33 12.54
C TRP A 493 -7.39 -22.07 13.52
N HIS A 494 -6.23 -22.67 13.28
CA HIS A 494 -5.09 -22.61 14.20
C HIS A 494 -3.82 -22.90 13.42
N TYR A 495 -2.67 -22.87 14.09
CA TYR A 495 -1.37 -23.13 13.47
C TYR A 495 -0.98 -24.63 13.44
N PRO A 496 -0.17 -25.02 12.44
CA PRO A 496 0.54 -26.30 12.54
C PRO A 496 1.49 -26.26 13.74
N GLU A 497 1.78 -27.41 14.33
CA GLU A 497 2.59 -27.48 15.55
C GLU A 497 3.86 -26.63 15.47
N GLY A 498 4.08 -25.83 16.50
CA GLY A 498 5.26 -24.99 16.58
C GLY A 498 5.36 -23.82 15.61
N LYS A 499 4.35 -23.64 14.75
CA LYS A 499 4.29 -22.47 13.87
C LYS A 499 3.64 -21.30 14.60
N THR A 500 4.01 -20.09 14.24
CA THR A 500 3.43 -18.90 14.87
C THR A 500 3.37 -17.76 13.86
N VAL A 501 2.94 -16.58 14.30
CA VAL A 501 2.87 -15.43 13.42
C VAL A 501 4.20 -15.18 12.74
N PRO A 502 4.23 -15.21 11.40
CA PRO A 502 5.49 -14.93 10.70
C PRO A 502 5.92 -13.47 10.81
N PRO A 503 7.23 -13.21 10.63
CA PRO A 503 7.74 -11.85 10.54
C PRO A 503 7.45 -11.26 9.16
N PRO A 504 7.38 -9.93 9.09
CA PRO A 504 7.06 -9.30 7.81
C PRO A 504 8.15 -9.49 6.78
N ASP A 505 7.77 -9.63 5.52
CA ASP A 505 8.71 -9.43 4.43
C ASP A 505 8.52 -7.99 3.96
N PHE A 506 9.55 -7.16 4.19
CA PHE A 506 9.50 -5.74 3.86
C PHE A 506 10.02 -5.42 2.45
N THR A 507 10.47 -6.43 1.73
CA THR A 507 11.13 -6.18 0.46
C THR A 507 10.17 -5.93 -0.69
N SER A 508 8.97 -6.48 -0.56
CA SER A 508 7.90 -6.29 -1.54
C SER A 508 7.34 -4.88 -1.46
N MET A 509 6.46 -4.51 -2.40
CA MET A 509 5.82 -3.19 -2.35
C MET A 509 5.03 -3.00 -1.05
N VAL A 510 4.22 -4.00 -0.71
CA VAL A 510 3.51 -4.01 0.55
C VAL A 510 4.19 -5.02 1.49
N THR A 511 4.06 -4.81 2.80
CA THR A 511 4.77 -5.63 3.78
C THR A 511 4.03 -6.88 4.20
N LEU A 512 3.71 -7.72 3.24
CA LEU A 512 3.04 -9.00 3.49
C LEU A 512 3.86 -9.92 4.43
N PRO A 513 3.22 -10.96 4.98
CA PRO A 513 3.97 -11.88 5.84
C PRO A 513 4.94 -12.79 5.09
N THR A 514 6.04 -13.13 5.74
CA THR A 514 6.96 -14.12 5.19
C THR A 514 6.31 -15.49 5.08
N GLY A 515 6.22 -15.98 3.85
CA GLY A 515 5.61 -17.26 3.56
C GLY A 515 6.62 -18.38 3.40
N PRO A 516 6.15 -19.65 3.39
CA PRO A 516 4.75 -20.06 3.44
C PRO A 516 4.07 -19.79 4.80
N ALA A 517 2.90 -19.16 4.74
CA ALA A 517 2.19 -18.78 5.95
C ALA A 517 0.94 -19.63 6.05
N LYS A 518 1.05 -20.76 6.74
CA LYS A 518 -0.01 -21.75 6.67
C LYS A 518 -0.83 -21.84 7.95
N ILE A 519 -2.13 -22.00 7.77
CA ILE A 519 -3.01 -22.29 8.89
C ILE A 519 -3.87 -23.49 8.57
N ILE A 520 -4.35 -24.15 9.63
CA ILE A 520 -5.26 -25.27 9.51
C ILE A 520 -6.67 -24.85 9.85
N TRP A 521 -7.57 -24.92 8.88
CA TRP A 521 -8.98 -24.68 9.15
C TRP A 521 -9.77 -25.97 9.44
N GLU A 522 -10.94 -25.80 10.03
CA GLU A 522 -11.91 -26.85 10.19
C GLU A 522 -13.31 -26.26 10.25
N LYS A 523 -14.30 -26.95 9.69
CA LYS A 523 -15.66 -26.44 9.65
C LYS A 523 -16.27 -26.40 11.06
N ARG A 524 -17.02 -25.35 11.37
CA ARG A 524 -17.73 -25.25 12.63
C ARG A 524 -18.93 -26.17 12.56
N ASN A 525 -19.44 -26.29 11.33
CA ASN A 525 -20.56 -27.15 11.06
C ASN A 525 -20.19 -28.09 9.89
N PRO A 526 -19.51 -29.21 10.21
CA PRO A 526 -19.01 -30.21 9.27
C PRO A 526 -20.00 -30.58 8.18
N GLU A 527 -21.29 -30.56 8.51
CA GLU A 527 -22.31 -31.06 7.60
C GLU A 527 -23.02 -29.97 6.82
N GLN A 528 -22.71 -28.71 7.15
CA GLN A 528 -23.20 -27.54 6.41
C GLN A 528 -22.78 -27.60 4.91
N LYS A 529 -23.74 -27.35 4.02
CA LYS A 529 -23.50 -27.39 2.58
C LYS A 529 -23.68 -26.00 2.01
N ILE A 530 -22.91 -25.68 0.97
CA ILE A 530 -23.09 -24.40 0.30
C ILE A 530 -23.74 -24.63 -1.04
N GLY A 531 -24.92 -24.07 -1.25
CA GLY A 531 -25.70 -24.32 -2.45
C GLY A 531 -25.10 -23.74 -3.73
N GLY A 532 -25.78 -23.98 -4.86
CA GLY A 532 -25.37 -23.43 -6.14
C GLY A 532 -24.88 -24.46 -7.16
N ARG A 533 -24.86 -24.07 -8.43
CA ARG A 533 -24.36 -24.96 -9.48
C ARG A 533 -22.86 -24.79 -9.72
N HIS A 534 -22.18 -25.92 -9.98
CA HIS A 534 -20.77 -25.94 -10.37
C HIS A 534 -20.42 -27.28 -11.01
#